data_3U31
#
_entry.id   3U31
#
_cell.length_a   32.173
_cell.length_b   102.734
_cell.length_c   105.184
_cell.angle_alpha   90.000
_cell.angle_beta   90.000
_cell.angle_gamma   90.000
#
_symmetry.space_group_name_H-M   'P 21 21 2'
#
loop_
_entity.id
_entity.type
_entity.pdbx_description
1 polymer 'Transcriptional regulatory protein sir2 homologue'
2 polymer 'histone 3 myristoyl lysine 9 peptide'
3 non-polymer NICOTINAMIDE-ADENINE-DINUCLEOTIDE
4 non-polymer GLYCEROL
5 non-polymer 'ZINC ION'
6 water water
#
loop_
_entity_poly.entity_id
_entity_poly.type
_entity_poly.pdbx_seq_one_letter_code
_entity_poly.pdbx_strand_id
1 'polypeptide(L)'
;GSHMASMTGGQQMGRGSMGNLMISFLKKDTQSITLEELAKIIKKCKHVVALTGSGTSAESNIPSFRGSSNSIWSKYDPRI
YGTIWGFWKYPEKIWEVIRDISSDYEIEINNGHVALSTLESLGYLKSVVTQNVDGLHEASGNTKVISLHGNVFEAVCCTC
NKIVKLNKIMLQKTSHFMHQLPPECPCGGIFKPNIILFGEVVSSDLLKEAEEEIAKCDLLLVIGTSSTVSTATNLCHFAC
KKKKKIVEINISKTYITNKMSDYHVCAKFSELTKVANILKGSSEKNKKIM
;
A
2 'polypeptide(L)' KQTAR(MYK)STGGWW B
#
# COMPACT_ATOMS: atom_id res chain seq x y z
N LYS A 27 -5.60 1.48 24.34
CA LYS A 27 -4.93 0.22 24.79
C LYS A 27 -5.82 -1.02 24.66
N LYS A 28 -5.19 -2.14 24.26
CA LYS A 28 -5.83 -3.44 23.98
C LYS A 28 -4.72 -4.46 24.22
N ASP A 29 -5.07 -5.62 24.75
CA ASP A 29 -4.10 -6.71 24.98
CA ASP A 29 -4.11 -6.69 24.99
C ASP A 29 -4.02 -7.60 23.73
N THR A 30 -3.27 -7.12 22.72
CA THR A 30 -3.12 -7.80 21.43
C THR A 30 -2.56 -9.16 21.63
N GLN A 31 -3.10 -10.16 20.96
CA GLN A 31 -2.59 -11.49 21.14
C GLN A 31 -2.01 -12.11 19.87
N SER A 32 -0.89 -12.77 20.01
CA SER A 32 -0.24 -13.44 18.86
C SER A 32 -0.92 -14.70 18.45
N ILE A 33 -1.07 -14.87 17.15
CA ILE A 33 -1.75 -16.01 16.55
C ILE A 33 -0.98 -16.46 15.33
N THR A 34 -1.31 -17.65 14.88
CA THR A 34 -0.67 -18.33 13.77
C THR A 34 -1.41 -18.07 12.46
N LEU A 35 -0.83 -18.52 11.35
CA LEU A 35 -1.46 -18.34 10.04
C LEU A 35 -2.75 -19.15 9.92
N GLU A 36 -2.71 -20.35 10.50
CA GLU A 36 -3.81 -21.26 10.44
C GLU A 36 -4.91 -20.64 11.29
N GLU A 37 -4.58 -20.04 12.42
CA GLU A 37 -5.60 -19.35 13.18
C GLU A 37 -6.22 -18.16 12.43
N LEU A 38 -5.40 -17.52 11.58
CA LEU A 38 -5.92 -16.45 10.77
C LEU A 38 -6.88 -17.00 9.68
N ALA A 39 -6.45 -18.04 8.97
CA ALA A 39 -7.35 -18.65 8.01
C ALA A 39 -8.70 -18.92 8.68
N LYS A 40 -8.64 -19.43 9.92
CA LYS A 40 -9.87 -19.77 10.64
C LYS A 40 -10.75 -18.60 10.86
N ILE A 41 -10.15 -17.44 11.18
CA ILE A 41 -10.87 -16.19 11.41
C ILE A 41 -11.54 -15.69 10.12
N ILE A 42 -10.78 -15.69 9.03
CA ILE A 42 -11.26 -15.28 7.71
C ILE A 42 -12.44 -16.14 7.18
N LYS A 43 -12.35 -17.46 7.33
CA LYS A 43 -13.43 -18.37 6.91
C LYS A 43 -14.80 -17.93 7.39
N LYS A 44 -14.88 -17.23 8.53
CA LYS A 44 -16.20 -16.79 9.02
C LYS A 44 -16.65 -15.43 8.48
N CYS A 45 -15.74 -14.69 7.83
CA CYS A 45 -16.00 -13.30 7.48
C CYS A 45 -16.67 -13.11 6.15
N LYS A 46 -17.44 -12.03 6.04
CA LYS A 46 -18.17 -11.68 4.83
C LYS A 46 -17.62 -10.39 4.16
N HIS A 47 -17.00 -9.51 4.94
CA HIS A 47 -16.48 -8.32 4.33
C HIS A 47 -15.07 -8.06 4.85
N VAL A 48 -14.05 -8.76 4.33
CA VAL A 48 -12.64 -8.52 4.79
C VAL A 48 -11.98 -7.34 4.03
N VAL A 49 -11.39 -6.38 4.77
CA VAL A 49 -10.62 -5.27 4.19
C VAL A 49 -9.11 -5.38 4.53
N ALA A 50 -8.24 -5.09 3.56
CA ALA A 50 -6.81 -5.02 3.89
C ALA A 50 -6.30 -3.55 3.89
N LEU A 51 -5.41 -3.19 4.83
CA LEU A 51 -4.75 -1.91 4.87
C LEU A 51 -3.26 -2.27 4.70
N THR A 52 -2.63 -1.77 3.62
CA THR A 52 -1.26 -2.16 3.25
C THR A 52 -0.25 -1.02 3.20
N GLY A 53 1.01 -1.37 3.43
CA GLY A 53 2.11 -0.41 3.48
C GLY A 53 3.32 -1.04 2.85
N SER A 54 4.54 -0.50 3.05
CA SER A 54 5.64 -0.83 2.13
C SER A 54 6.18 -2.17 2.39
N GLY A 55 5.82 -2.69 3.54
CA GLY A 55 6.11 -4.07 3.81
C GLY A 55 5.61 -5.05 2.78
N THR A 56 4.48 -4.76 2.09
CA THR A 56 3.99 -5.74 1.13
C THR A 56 4.73 -5.69 -0.20
N SER A 57 5.55 -4.67 -0.39
CA SER A 57 6.32 -4.56 -1.65
C SER A 57 7.78 -4.90 -1.30
N ALA A 58 8.06 -5.04 -0.02
CA ALA A 58 9.39 -5.51 0.43
C ALA A 58 9.94 -6.71 -0.36
N GLU A 59 9.08 -7.71 -0.57
CA GLU A 59 9.46 -8.92 -1.26
C GLU A 59 9.20 -8.74 -2.73
N SER A 60 9.07 -7.50 -3.14
CA SER A 60 9.03 -7.25 -4.56
C SER A 60 10.26 -6.44 -4.95
N ASN A 61 11.28 -6.45 -4.08
CA ASN A 61 12.60 -5.78 -4.27
C ASN A 61 12.59 -4.26 -4.06
N ILE A 62 11.72 -3.77 -3.17
CA ILE A 62 11.77 -2.38 -2.72
C ILE A 62 11.92 -2.41 -1.20
N PRO A 63 13.15 -2.23 -0.67
CA PRO A 63 13.32 -2.33 0.80
C PRO A 63 12.42 -1.36 1.59
N SER A 64 11.79 -1.86 2.66
CA SER A 64 10.89 -1.03 3.49
C SER A 64 11.67 -0.11 4.47
N PHE A 65 12.82 -0.63 4.93
CA PHE A 65 13.64 0.14 5.85
C PHE A 65 14.40 1.20 5.02
N ARG A 66 13.98 2.45 5.17
CA ARG A 66 14.57 3.52 4.37
C ARG A 66 16.00 3.96 4.82
N GLY A 67 16.47 3.51 5.99
CA GLY A 67 17.84 3.83 6.44
C GLY A 67 18.83 2.74 5.98
N SER A 68 18.36 1.79 5.16
CA SER A 68 19.26 0.72 4.68
C SER A 68 20.29 1.32 3.68
N SER A 69 21.56 1.25 4.06
CA SER A 69 22.64 1.85 3.28
C SER A 69 22.87 1.10 1.93
N ASN A 70 22.58 -0.20 1.91
CA ASN A 70 22.68 -1.00 0.63
C ASN A 70 21.38 -1.04 -0.22
N SER A 71 20.75 0.14 -0.44
CA SER A 71 19.45 0.24 -1.13
C SER A 71 19.40 1.56 -1.92
N ILE A 72 18.45 1.64 -2.86
CA ILE A 72 18.11 2.91 -3.50
C ILE A 72 17.96 4.16 -2.58
N TRP A 73 17.32 4.01 -1.42
CA TRP A 73 17.07 5.19 -0.58
C TRP A 73 18.35 5.93 -0.10
N SER A 74 19.48 5.22 -0.03
CA SER A 74 20.85 5.78 0.24
C SER A 74 21.31 6.88 -0.72
N LYS A 75 20.79 6.86 -1.96
CA LYS A 75 21.25 7.80 -3.03
C LYS A 75 20.56 9.17 -2.89
N TYR A 76 19.51 9.18 -2.07
CA TYR A 76 18.51 10.27 -2.11
C TYR A 76 18.17 10.78 -0.72
N ASP A 77 18.06 12.09 -0.65
CA ASP A 77 17.66 12.67 0.61
C ASP A 77 16.10 12.76 0.67
N PRO A 78 15.47 11.96 1.56
CA PRO A 78 14.04 11.87 1.79
C PRO A 78 13.38 13.25 2.13
N ARG A 79 14.16 14.15 2.74
CA ARG A 79 13.73 15.49 3.10
C ARG A 79 13.48 16.31 1.88
N ILE A 80 14.11 15.91 0.78
CA ILE A 80 13.85 16.48 -0.50
C ILE A 80 12.78 15.67 -1.25
N TYR A 81 13.08 14.43 -1.69
CA TYR A 81 12.17 13.80 -2.59
C TYR A 81 10.84 13.45 -1.96
N GLY A 82 10.80 13.32 -0.66
CA GLY A 82 9.59 12.87 0.01
C GLY A 82 8.59 13.96 0.45
N THR A 83 8.89 15.24 0.23
CA THR A 83 8.07 16.29 0.84
C THR A 83 7.69 17.23 -0.22
N ILE A 84 6.61 17.95 0.04
CA ILE A 84 6.10 18.97 -0.89
C ILE A 84 6.98 20.18 -0.95
N TRP A 85 7.54 20.57 0.19
CA TRP A 85 8.59 21.58 0.08
C TRP A 85 9.71 21.10 -0.91
N GLY A 86 10.14 19.90 -0.71
CA GLY A 86 11.21 19.33 -1.56
C GLY A 86 10.86 19.30 -3.01
N PHE A 87 9.60 19.00 -3.33
CA PHE A 87 9.14 19.01 -4.73
C PHE A 87 9.28 20.39 -5.38
N TRP A 88 8.78 21.44 -4.73
CA TRP A 88 8.93 22.78 -5.33
C TRP A 88 10.36 23.30 -5.47
N LYS A 89 11.23 22.96 -4.54
CA LYS A 89 12.63 23.37 -4.63
C LYS A 89 13.37 22.55 -5.72
N TYR A 90 13.17 21.23 -5.72
CA TYR A 90 13.95 20.31 -6.58
C TYR A 90 13.02 19.34 -7.26
N PRO A 91 12.19 19.81 -8.21
CA PRO A 91 11.15 18.89 -8.71
C PRO A 91 11.65 17.69 -9.55
N GLU A 92 12.90 17.75 -10.05
CA GLU A 92 13.54 16.58 -10.66
C GLU A 92 13.72 15.36 -9.70
N LYS A 93 13.81 15.57 -8.38
CA LYS A 93 14.31 14.49 -7.51
C LYS A 93 13.33 13.34 -7.34
N ILE A 94 12.07 13.65 -7.05
CA ILE A 94 11.15 12.55 -6.92
C ILE A 94 11.07 11.80 -8.31
N TRP A 95 11.22 12.49 -9.42
CA TRP A 95 11.23 11.77 -10.70
C TRP A 95 12.44 10.83 -10.86
N GLU A 96 13.61 11.32 -10.44
CA GLU A 96 14.83 10.50 -10.44
C GLU A 96 14.64 9.33 -9.61
N VAL A 97 13.96 9.51 -8.44
CA VAL A 97 13.75 8.39 -7.52
C VAL A 97 12.87 7.36 -8.19
N ILE A 98 11.71 7.78 -8.73
CA ILE A 98 10.80 6.90 -9.41
C ILE A 98 11.50 6.19 -10.63
N ARG A 99 12.24 6.96 -11.40
CA ARG A 99 13.02 6.45 -12.55
C ARG A 99 13.99 5.38 -12.08
N ASP A 100 14.73 5.63 -10.97
CA ASP A 100 15.75 4.66 -10.59
C ASP A 100 15.16 3.38 -10.05
N ILE A 101 14.16 3.52 -9.18
CA ILE A 101 13.55 2.28 -8.69
C ILE A 101 12.97 1.45 -9.84
N SER A 102 12.32 2.15 -10.75
CA SER A 102 11.70 1.46 -11.90
C SER A 102 12.72 0.82 -12.86
N SER A 103 13.87 1.44 -13.03
CA SER A 103 14.82 1.04 -14.07
C SER A 103 15.80 0.01 -13.53
N ASP A 104 16.21 0.17 -12.28
CA ASP A 104 17.38 -0.55 -11.72
C ASP A 104 17.01 -1.84 -11.01
N TYR A 105 15.73 -2.10 -10.78
CA TYR A 105 15.35 -3.29 -9.98
C TYR A 105 14.31 -4.11 -10.68
N GLU A 106 14.28 -5.42 -10.41
CA GLU A 106 13.23 -6.25 -10.99
C GLU A 106 12.00 -6.23 -10.07
N ILE A 107 10.87 -5.79 -10.60
CA ILE A 107 9.74 -5.50 -9.74
C ILE A 107 8.47 -6.24 -10.15
N GLU A 108 8.19 -7.38 -9.53
CA GLU A 108 6.99 -8.16 -9.87
C GLU A 108 6.11 -8.46 -8.66
N ILE A 109 4.83 -8.69 -8.91
CA ILE A 109 4.02 -9.19 -7.81
C ILE A 109 4.70 -10.38 -7.09
N ASN A 110 4.63 -10.39 -5.76
CA ASN A 110 5.13 -11.51 -4.99
C ASN A 110 3.95 -12.38 -4.53
N ASN A 111 4.27 -13.44 -3.77
CA ASN A 111 3.23 -14.40 -3.31
C ASN A 111 2.18 -13.84 -2.34
N GLY A 112 2.49 -12.71 -1.69
CA GLY A 112 1.51 -12.02 -0.86
C GLY A 112 0.38 -11.48 -1.71
N HIS A 113 0.77 -10.89 -2.84
CA HIS A 113 -0.17 -10.28 -3.75
C HIS A 113 -1.10 -11.33 -4.34
N VAL A 114 -0.54 -12.50 -4.67
CA VAL A 114 -1.29 -13.55 -5.36
C VAL A 114 -2.28 -14.12 -4.35
N ALA A 115 -1.78 -14.33 -3.16
CA ALA A 115 -2.55 -14.66 -2.00
C ALA A 115 -3.69 -13.67 -1.73
N LEU A 116 -3.42 -12.36 -1.71
CA LEU A 116 -4.52 -11.41 -1.53
C LEU A 116 -5.47 -11.47 -2.71
N SER A 117 -4.97 -11.71 -3.93
CA SER A 117 -5.83 -11.84 -5.09
C SER A 117 -6.81 -13.03 -5.00
N THR A 118 -6.31 -14.18 -4.54
CA THR A 118 -7.23 -15.32 -4.34
C THR A 118 -8.26 -15.06 -3.22
N LEU A 119 -7.82 -14.46 -2.11
CA LEU A 119 -8.80 -14.09 -1.08
C LEU A 119 -9.98 -13.21 -1.58
N GLU A 120 -9.75 -12.37 -2.60
CA GLU A 120 -10.88 -11.65 -3.23
C GLU A 120 -11.71 -12.61 -4.10
N SER A 121 -11.04 -13.42 -4.92
CA SER A 121 -11.71 -14.46 -5.71
C SER A 121 -12.65 -15.40 -4.93
N LEU A 122 -12.25 -15.81 -3.74
CA LEU A 122 -13.01 -16.72 -2.91
C LEU A 122 -14.12 -15.97 -2.24
N GLY A 123 -14.14 -14.65 -2.35
CA GLY A 123 -15.30 -13.89 -1.87
C GLY A 123 -15.12 -13.35 -0.48
N TYR A 124 -13.92 -13.42 0.08
CA TYR A 124 -13.63 -12.81 1.41
C TYR A 124 -13.19 -11.34 1.32
N LEU A 125 -12.21 -11.06 0.46
CA LEU A 125 -11.54 -9.74 0.43
C LEU A 125 -12.24 -8.75 -0.47
N LYS A 126 -12.84 -7.73 0.11
CA LYS A 126 -13.61 -6.78 -0.66
C LYS A 126 -12.88 -5.55 -1.09
N SER A 127 -11.80 -5.14 -0.41
CA SER A 127 -11.02 -3.97 -0.83
C SER A 127 -9.63 -3.96 -0.16
N VAL A 128 -8.71 -3.26 -0.81
CA VAL A 128 -7.34 -3.10 -0.29
C VAL A 128 -7.12 -1.61 -0.26
N VAL A 129 -6.92 -1.07 0.93
CA VAL A 129 -6.64 0.33 1.12
C VAL A 129 -5.12 0.40 1.33
N THR A 130 -4.40 1.14 0.49
CA THR A 130 -3.00 1.05 0.49
C THR A 130 -2.39 2.39 0.57
N GLN A 131 -1.23 2.44 1.25
CA GLN A 131 -0.31 3.60 1.25
C GLN A 131 0.77 3.48 0.17
N ASN A 132 0.93 2.30 -0.43
CA ASN A 132 1.86 2.13 -1.56
C ASN A 132 1.41 2.79 -2.84
N VAL A 133 2.37 3.26 -3.58
CA VAL A 133 2.12 3.96 -4.82
C VAL A 133 2.60 3.12 -6.00
N ASP A 134 3.09 1.88 -5.74
CA ASP A 134 3.67 1.09 -6.86
C ASP A 134 2.69 0.37 -7.77
N GLY A 135 1.41 0.29 -7.39
CA GLY A 135 0.41 -0.36 -8.21
C GLY A 135 0.40 -1.90 -8.22
N LEU A 136 1.16 -2.54 -7.34
CA LEU A 136 1.27 -4.00 -7.37
C LEU A 136 0.01 -4.74 -7.01
N HIS A 137 -0.76 -4.23 -6.03
CA HIS A 137 -2.03 -4.87 -5.75
C HIS A 137 -2.90 -5.02 -7.00
N GLU A 138 -3.04 -3.97 -7.78
CA GLU A 138 -3.88 -4.08 -8.97
C GLU A 138 -3.20 -5.02 -9.99
N ALA A 139 -1.89 -4.92 -10.11
CA ALA A 139 -1.18 -5.78 -11.06
C ALA A 139 -1.52 -7.25 -10.74
N SER A 140 -1.67 -7.62 -9.45
CA SER A 140 -2.02 -9.04 -9.08
C SER A 140 -3.49 -9.41 -9.37
N GLY A 141 -4.30 -8.45 -9.80
CA GLY A 141 -5.73 -8.75 -10.03
C GLY A 141 -6.69 -8.21 -8.97
N ASN A 142 -6.23 -7.62 -7.84
CA ASN A 142 -7.22 -6.91 -6.99
C ASN A 142 -8.00 -5.83 -7.75
N THR A 143 -9.27 -5.68 -7.37
CA THR A 143 -10.26 -4.96 -8.14
C THR A 143 -10.80 -3.70 -7.46
N LYS A 144 -10.57 -3.54 -6.17
CA LYS A 144 -10.99 -2.35 -5.48
C LYS A 144 -9.82 -1.90 -4.61
N VAL A 145 -8.81 -1.34 -5.26
CA VAL A 145 -7.61 -0.80 -4.58
C VAL A 145 -7.76 0.69 -4.38
N ILE A 146 -7.84 1.11 -3.12
CA ILE A 146 -7.99 2.51 -2.82
C ILE A 146 -6.58 3.07 -2.50
N SER A 147 -6.17 4.00 -3.37
CA SER A 147 -4.82 4.52 -3.41
C SER A 147 -4.70 5.80 -2.59
N LEU A 148 -4.61 5.68 -1.27
CA LEU A 148 -4.64 6.89 -0.42
C LEU A 148 -3.45 7.75 -0.68
N HIS A 149 -2.34 7.16 -1.11
CA HIS A 149 -1.19 8.03 -1.44
C HIS A 149 -0.93 8.23 -2.90
N GLY A 150 -1.92 7.81 -3.70
CA GLY A 150 -1.80 7.98 -5.13
C GLY A 150 -1.05 6.83 -5.79
N ASN A 151 -0.54 7.06 -7.01
CA ASN A 151 -0.07 5.94 -7.79
C ASN A 151 0.95 6.50 -8.81
N VAL A 152 2.11 5.89 -8.89
CA VAL A 152 3.22 6.36 -9.72
C VAL A 152 2.96 6.33 -11.27
N PHE A 153 1.82 5.79 -11.69
CA PHE A 153 1.51 5.70 -13.10
C PHE A 153 0.61 6.80 -13.61
N GLU A 154 0.49 7.86 -12.82
CA GLU A 154 -0.20 9.05 -13.25
C GLU A 154 0.60 10.29 -12.83
N ALA A 155 0.43 11.36 -13.59
CA ALA A 155 1.20 12.57 -13.38
C ALA A 155 0.24 13.66 -13.73
N VAL A 156 0.49 14.87 -13.23
CA VAL A 156 -0.44 15.95 -13.47
C VAL A 156 0.38 17.23 -13.70
N CYS A 157 -0.05 18.11 -14.60
CA CYS A 157 0.69 19.33 -14.81
C CYS A 157 0.26 20.22 -13.63
N CYS A 158 1.23 20.73 -12.88
CA CYS A 158 0.94 21.45 -11.68
C CYS A 158 0.73 22.95 -11.92
N THR A 159 0.50 23.30 -13.19
CA THR A 159 -0.15 24.53 -13.57
C THR A 159 -1.54 24.26 -14.17
N CYS A 160 -1.65 23.55 -15.33
CA CYS A 160 -3.01 23.40 -15.95
C CYS A 160 -3.83 22.20 -15.46
N ASN A 161 -3.27 21.34 -14.59
CA ASN A 161 -3.99 20.14 -14.06
C ASN A 161 -4.22 19.08 -15.15
N LYS A 162 -3.56 19.17 -16.29
CA LYS A 162 -3.70 18.06 -17.28
C LYS A 162 -3.21 16.76 -16.65
N ILE A 163 -3.96 15.69 -16.88
CA ILE A 163 -3.61 14.34 -16.45
C ILE A 163 -2.89 13.62 -17.59
N VAL A 164 -1.72 13.03 -17.31
CA VAL A 164 -1.05 12.08 -18.21
C VAL A 164 -0.99 10.67 -17.56
N LYS A 165 -1.45 9.66 -18.29
CA LYS A 165 -1.35 8.31 -17.83
C LYS A 165 0.04 7.78 -18.24
N LEU A 166 0.70 7.08 -17.33
CA LEU A 166 2.05 6.52 -17.59
C LEU A 166 1.96 5.00 -17.48
N ASN A 167 3.02 4.31 -17.85
CA ASN A 167 3.10 2.86 -17.63
C ASN A 167 4.54 2.58 -17.30
N LYS A 168 4.84 1.37 -16.91
CA LYS A 168 6.21 1.01 -16.51
C LYS A 168 7.27 1.37 -17.54
N ILE A 169 6.96 1.13 -18.80
CA ILE A 169 7.95 1.37 -19.85
C ILE A 169 8.24 2.88 -19.93
N MET A 170 7.22 3.70 -19.74
CA MET A 170 7.52 5.19 -19.66
C MET A 170 8.39 5.69 -18.48
N LEU A 171 8.44 4.95 -17.39
CA LEU A 171 9.27 5.34 -16.25
C LEU A 171 10.70 4.87 -16.33
N GLN A 172 11.05 4.11 -17.38
CA GLN A 172 12.47 3.71 -17.59
C GLN A 172 13.33 4.89 -17.88
N LYS A 173 14.60 4.82 -17.44
CA LYS A 173 15.62 5.85 -17.68
C LYS A 173 15.84 6.19 -19.15
N THR A 174 15.48 5.25 -20.04
CA THR A 174 15.73 5.46 -21.45
C THR A 174 14.51 6.07 -22.14
N SER A 175 13.42 6.29 -21.42
CA SER A 175 12.20 6.81 -22.04
C SER A 175 12.29 8.23 -22.38
N HIS A 176 11.54 8.60 -23.37
CA HIS A 176 11.53 9.98 -23.80
C HIS A 176 10.91 10.85 -22.70
N PHE A 177 9.84 10.33 -22.12
CA PHE A 177 9.19 11.00 -20.98
C PHE A 177 10.20 11.37 -19.84
N MET A 178 11.12 10.45 -19.51
CA MET A 178 12.19 10.65 -18.55
C MET A 178 13.40 11.45 -19.07
N HIS A 179 13.42 11.83 -20.37
CA HIS A 179 14.66 12.43 -20.91
C HIS A 179 15.04 13.74 -20.23
N GLN A 180 14.06 14.58 -19.99
CA GLN A 180 14.25 15.89 -19.31
C GLN A 180 13.35 15.95 -18.02
N LEU A 181 14.00 16.17 -16.87
CA LEU A 181 13.33 16.12 -15.57
C LEU A 181 13.45 17.52 -14.90
N PRO A 182 12.35 18.02 -14.33
CA PRO A 182 11.05 17.34 -14.34
C PRO A 182 10.49 17.31 -15.73
N PRO A 183 9.55 16.40 -16.01
CA PRO A 183 8.91 16.43 -17.33
C PRO A 183 8.03 17.68 -17.56
N GLU A 184 7.94 18.09 -18.81
CA GLU A 184 7.39 19.41 -19.08
C GLU A 184 6.07 19.28 -19.81
N CYS A 185 5.12 20.15 -19.47
CA CYS A 185 3.83 20.12 -20.09
C CYS A 185 3.82 21.09 -21.27
N PRO A 186 3.10 20.75 -22.35
CA PRO A 186 2.95 21.69 -23.44
C PRO A 186 2.51 23.07 -22.96
N CYS A 187 1.73 23.16 -21.87
CA CYS A 187 1.31 24.50 -21.44
C CYS A 187 2.48 25.35 -20.91
N GLY A 188 3.59 24.71 -20.58
CA GLY A 188 4.64 25.50 -19.93
C GLY A 188 4.82 25.13 -18.45
N GLY A 189 3.85 24.40 -17.89
CA GLY A 189 4.02 23.99 -16.46
C GLY A 189 4.87 22.75 -16.38
N ILE A 190 5.07 22.22 -15.19
CA ILE A 190 5.79 20.95 -15.13
C ILE A 190 4.91 19.87 -14.57
N PHE A 191 5.33 18.61 -14.79
CA PHE A 191 4.61 17.46 -14.31
C PHE A 191 5.07 17.04 -12.96
N LYS A 192 4.08 16.61 -12.19
CA LYS A 192 4.30 16.18 -10.81
C LYS A 192 3.73 14.78 -10.68
N PRO A 193 4.44 13.83 -10.08
CA PRO A 193 3.71 12.51 -9.95
C PRO A 193 2.40 12.61 -9.15
N ASN A 194 1.37 11.80 -9.50
CA ASN A 194 0.09 11.83 -8.80
C ASN A 194 0.19 11.01 -7.49
N ILE A 195 1.22 11.32 -6.68
CA ILE A 195 1.37 10.70 -5.40
C ILE A 195 1.30 11.78 -4.28
N ILE A 196 0.81 11.40 -3.09
CA ILE A 196 0.68 12.36 -2.01
C ILE A 196 2.00 12.36 -1.30
N LEU A 197 2.69 13.52 -1.26
CA LEU A 197 3.99 13.69 -0.55
C LEU A 197 3.75 14.11 0.92
N PHE A 198 4.74 13.91 1.77
CA PHE A 198 4.61 14.40 3.11
C PHE A 198 4.35 15.91 3.09
N GLY A 199 3.44 16.37 3.97
CA GLY A 199 3.00 17.73 3.93
C GLY A 199 1.82 18.01 3.01
N GLU A 200 1.50 17.08 2.10
CA GLU A 200 0.22 17.17 1.32
C GLU A 200 -0.93 16.48 2.02
N VAL A 201 -2.15 16.70 1.51
CA VAL A 201 -3.37 16.30 2.18
C VAL A 201 -3.96 15.21 1.31
N VAL A 202 -4.27 14.09 1.93
CA VAL A 202 -4.97 13.00 1.28
C VAL A 202 -6.38 13.37 0.79
N SER A 203 -6.72 12.89 -0.40
CA SER A 203 -8.01 13.08 -1.04
C SER A 203 -9.12 12.75 -0.09
N SER A 204 -9.98 13.71 0.14
CA SER A 204 -11.04 13.56 1.11
C SER A 204 -12.15 12.63 0.55
N ASP A 205 -12.37 12.58 -0.77
CA ASP A 205 -13.21 11.52 -1.32
C ASP A 205 -12.59 10.12 -1.24
N LEU A 206 -11.29 9.97 -1.47
CA LEU A 206 -10.68 8.67 -1.21
C LEU A 206 -10.74 8.24 0.28
N LEU A 207 -10.53 9.16 1.19
CA LEU A 207 -10.55 8.84 2.61
C LEU A 207 -11.94 8.29 2.98
N LYS A 208 -12.96 9.02 2.56
CA LYS A 208 -14.38 8.64 2.78
C LYS A 208 -14.62 7.27 2.22
N GLU A 209 -14.12 6.97 1.04
CA GLU A 209 -14.19 5.57 0.50
C GLU A 209 -13.56 4.55 1.43
N ALA A 210 -12.37 4.87 1.98
CA ALA A 210 -11.65 3.92 2.83
C ALA A 210 -12.42 3.77 4.14
N GLU A 211 -12.91 4.89 4.68
CA GLU A 211 -13.78 4.87 5.90
C GLU A 211 -15.06 4.06 5.72
N GLU A 212 -15.79 4.24 4.61
CA GLU A 212 -16.97 3.36 4.34
C GLU A 212 -16.64 1.90 4.13
N GLU A 213 -15.47 1.57 3.54
CA GLU A 213 -15.05 0.16 3.57
C GLU A 213 -14.85 -0.41 5.01
N ILE A 214 -14.13 0.32 5.83
CA ILE A 214 -13.86 -0.15 7.18
C ILE A 214 -15.19 -0.24 7.98
N ALA A 215 -16.12 0.69 7.76
CA ALA A 215 -17.40 0.73 8.50
C ALA A 215 -18.23 -0.49 8.17
N LYS A 216 -18.10 -0.95 6.95
CA LYS A 216 -18.78 -2.16 6.64
C LYS A 216 -18.00 -3.47 6.84
N CYS A 217 -16.70 -3.43 7.20
CA CYS A 217 -15.98 -4.69 7.16
C CYS A 217 -16.37 -5.48 8.40
N ASP A 218 -16.11 -6.79 8.36
CA ASP A 218 -16.05 -7.55 9.61
C ASP A 218 -14.61 -7.98 10.01
N LEU A 219 -13.60 -7.66 9.19
CA LEU A 219 -12.21 -7.84 9.60
C LEU A 219 -11.34 -6.85 8.87
N LEU A 220 -10.37 -6.28 9.55
CA LEU A 220 -9.36 -5.49 8.87
C LEU A 220 -7.97 -6.12 9.00
N LEU A 221 -7.36 -6.50 7.87
CA LEU A 221 -6.00 -6.95 7.88
C LEU A 221 -5.06 -5.74 7.63
N VAL A 222 -4.07 -5.54 8.50
CA VAL A 222 -3.19 -4.41 8.42
C VAL A 222 -1.84 -5.05 8.20
N ILE A 223 -1.35 -5.01 6.95
CA ILE A 223 -0.30 -5.89 6.46
C ILE A 223 0.90 -5.02 6.04
N GLY A 224 2.08 -5.25 6.66
CA GLY A 224 3.29 -4.66 6.15
C GLY A 224 3.33 -3.16 6.30
N THR A 225 2.74 -2.63 7.38
CA THR A 225 2.78 -1.17 7.68
C THR A 225 3.08 -0.88 9.20
N SER A 226 3.73 0.23 9.51
CA SER A 226 4.09 0.51 10.91
C SER A 226 2.93 1.24 11.54
N SER A 227 2.05 1.75 10.70
CA SER A 227 0.87 2.54 11.11
C SER A 227 1.23 3.77 11.87
N THR A 228 2.44 4.25 11.62
CA THR A 228 2.88 5.54 12.15
C THR A 228 2.61 6.78 11.25
N VAL A 229 2.42 6.61 9.95
CA VAL A 229 1.96 7.72 9.14
C VAL A 229 0.50 8.05 9.50
N SER A 230 0.18 9.35 9.60
CA SER A 230 -1.21 9.80 9.92
C SER A 230 -2.27 8.98 9.21
N THR A 231 -2.09 8.76 7.91
CA THR A 231 -3.06 8.09 7.06
C THR A 231 -3.46 6.72 7.64
N ALA A 232 -2.46 5.87 7.89
CA ALA A 232 -2.68 4.57 8.52
C ALA A 232 -3.23 4.68 9.98
N THR A 233 -2.60 5.54 10.81
CA THR A 233 -2.89 5.63 12.23
C THR A 233 -4.33 5.99 12.37
N ASN A 234 -4.74 7.09 11.73
CA ASN A 234 -6.14 7.51 11.65
C ASN A 234 -7.13 6.45 11.12
N LEU A 235 -6.73 5.64 10.14
CA LEU A 235 -7.67 4.61 9.70
C LEU A 235 -7.88 3.50 10.74
N CYS A 236 -6.82 3.23 11.47
CA CYS A 236 -6.85 2.20 12.47
C CYS A 236 -7.67 2.68 13.68
N HIS A 237 -7.46 3.93 14.10
CA HIS A 237 -8.32 4.60 15.09
C HIS A 237 -9.79 4.48 14.69
N PHE A 238 -10.09 4.84 13.43
CA PHE A 238 -11.44 4.70 12.88
C PHE A 238 -12.01 3.31 13.02
N ALA A 239 -11.20 2.29 12.73
CA ALA A 239 -11.61 0.90 12.90
C ALA A 239 -11.96 0.50 14.36
N CYS A 240 -11.08 0.80 15.35
CA CYS A 240 -11.45 0.77 16.80
C CYS A 240 -12.73 1.53 17.20
N LYS A 241 -12.86 2.80 16.83
CA LYS A 241 -14.15 3.50 16.93
C LYS A 241 -15.41 2.71 16.50
N LYS A 242 -15.34 2.01 15.35
CA LYS A 242 -16.44 1.25 14.79
C LYS A 242 -16.34 -0.18 15.26
N LYS A 243 -15.43 -0.41 16.19
CA LYS A 243 -15.27 -1.71 16.89
C LYS A 243 -15.07 -2.89 15.96
N LYS A 244 -14.16 -2.71 14.99
CA LYS A 244 -13.82 -3.79 14.05
C LYS A 244 -12.67 -4.61 14.60
N LYS A 245 -12.72 -5.88 14.34
CA LYS A 245 -11.70 -6.83 14.68
C LYS A 245 -10.45 -6.61 13.77
N ILE A 246 -9.29 -6.39 14.39
CA ILE A 246 -8.09 -5.94 13.65
C ILE A 246 -6.95 -6.91 13.76
N VAL A 247 -6.52 -7.43 12.63
CA VAL A 247 -5.39 -8.34 12.61
C VAL A 247 -4.19 -7.81 11.80
N GLU A 248 -3.03 -7.68 12.47
CA GLU A 248 -1.72 -7.32 11.85
C GLU A 248 -1.12 -8.54 11.25
N ILE A 249 -0.55 -8.42 10.05
CA ILE A 249 0.37 -9.39 9.51
C ILE A 249 1.62 -8.60 9.22
N ASN A 250 2.71 -8.94 9.94
CA ASN A 250 3.95 -8.15 9.89
C ASN A 250 5.12 -8.95 10.48
N ILE A 251 6.32 -8.72 9.94
CA ILE A 251 7.55 -9.28 10.55
C ILE A 251 7.78 -8.73 11.94
N SER A 252 7.05 -7.69 12.37
CA SER A 252 7.30 -7.14 13.68
C SER A 252 6.07 -6.54 14.37
N LYS A 253 6.17 -6.24 15.64
CA LYS A 253 5.13 -5.46 16.27
C LYS A 253 5.27 -4.03 15.75
N THR A 254 4.24 -3.22 16.03
CA THR A 254 4.19 -1.89 15.48
C THR A 254 3.57 -0.92 16.44
N TYR A 255 3.53 0.32 16.01
CA TYR A 255 2.85 1.30 16.81
C TYR A 255 1.44 0.85 17.29
N ILE A 256 0.69 0.03 16.52
CA ILE A 256 -0.70 -0.31 16.93
C ILE A 256 -0.89 -1.57 17.80
N THR A 257 0.18 -2.36 17.88
CA THR A 257 0.26 -3.45 18.82
C THR A 257 0.02 -2.98 20.25
N ASN A 258 -0.91 -3.64 20.90
CA ASN A 258 -1.26 -3.32 22.30
C ASN A 258 -1.90 -1.93 22.46
N LYS A 259 -2.32 -1.38 21.33
CA LYS A 259 -3.06 -0.15 21.35
C LYS A 259 -4.30 -0.39 20.54
N MET A 260 -4.14 -0.92 19.32
CA MET A 260 -5.30 -0.97 18.42
C MET A 260 -5.62 -2.32 17.80
N SER A 261 -4.65 -3.17 17.61
CA SER A 261 -4.94 -4.44 16.96
C SER A 261 -5.37 -5.49 18.00
N ASP A 262 -6.28 -6.40 17.66
CA ASP A 262 -6.71 -7.48 18.53
C ASP A 262 -5.77 -8.68 18.43
N TYR A 263 -5.14 -8.88 17.27
CA TYR A 263 -4.24 -10.00 17.01
C TYR A 263 -3.12 -9.60 16.11
N HIS A 264 -2.09 -10.45 16.03
CA HIS A 264 -0.87 -10.18 15.29
C HIS A 264 -0.34 -11.51 14.81
N VAL A 265 -0.13 -11.63 13.51
CA VAL A 265 0.46 -12.79 12.92
C VAL A 265 1.87 -12.33 12.63
N CYS A 266 2.87 -13.01 13.19
CA CYS A 266 4.26 -12.65 12.92
C CYS A 266 4.74 -13.38 11.68
N ALA A 267 4.74 -12.71 10.54
CA ALA A 267 4.97 -13.38 9.29
C ALA A 267 5.31 -12.36 8.17
N LYS A 268 5.94 -12.85 7.12
CA LYS A 268 6.20 -12.05 5.95
C LYS A 268 4.92 -12.10 5.18
N PHE A 269 4.60 -10.98 4.55
CA PHE A 269 3.52 -10.90 3.61
C PHE A 269 3.45 -12.12 2.73
N SER A 270 4.57 -12.68 2.29
CA SER A 270 4.47 -13.72 1.27
C SER A 270 3.96 -15.00 1.93
N GLU A 271 4.05 -15.08 3.24
CA GLU A 271 3.61 -16.31 3.91
C GLU A 271 2.07 -16.41 3.89
N LEU A 272 1.41 -15.38 3.35
CA LEU A 272 -0.03 -15.39 3.27
C LEU A 272 -0.53 -16.42 2.29
N THR A 273 0.36 -17.03 1.50
CA THR A 273 -0.10 -18.07 0.57
C THR A 273 -0.59 -19.27 1.35
N LYS A 274 -0.01 -19.51 2.52
CA LYS A 274 -0.54 -20.54 3.40
C LYS A 274 -2.02 -20.29 3.78
N VAL A 275 -2.38 -19.04 4.08
CA VAL A 275 -3.75 -18.73 4.41
C VAL A 275 -4.62 -18.94 3.18
N ALA A 276 -4.20 -18.42 2.04
CA ALA A 276 -4.91 -18.60 0.80
C ALA A 276 -5.06 -20.06 0.41
N ASN A 277 -3.99 -20.87 0.52
CA ASN A 277 -4.05 -22.33 0.31
C ASN A 277 -5.08 -23.04 1.20
N ILE A 278 -5.06 -22.79 2.52
CA ILE A 278 -6.10 -23.34 3.40
C ILE A 278 -7.51 -23.00 2.89
N LEU A 279 -7.81 -21.72 2.70
CA LEU A 279 -9.16 -21.29 2.33
C LEU A 279 -9.62 -21.75 0.94
N LYS A 280 -8.64 -21.86 0.03
CA LYS A 280 -8.84 -22.38 -1.33
C LYS A 280 -9.17 -23.88 -1.29
N GLY A 281 -8.33 -24.65 -0.58
CA GLY A 281 -8.55 -26.10 -0.37
C GLY A 281 -9.96 -26.32 0.16
N SER A 282 -10.27 -25.61 1.22
CA SER A 282 -11.54 -25.77 1.86
C SER A 282 -12.70 -25.45 0.92
N SER A 283 -12.54 -24.46 0.04
CA SER A 283 -13.59 -24.09 -0.93
C SER A 283 -13.86 -25.17 -1.98
N GLU A 284 -12.82 -25.92 -2.33
CA GLU A 284 -12.93 -26.99 -3.31
C GLU A 284 -13.95 -28.12 -2.92
N LYS A 285 -14.60 -27.98 -1.74
CA LYS A 285 -15.91 -28.59 -1.39
C LYS A 285 -17.06 -28.27 -2.41
N ASN A 286 -16.71 -28.26 -3.70
CA ASN A 286 -17.67 -28.18 -4.80
C ASN A 286 -17.88 -29.58 -5.31
N LYS A 287 -17.10 -30.53 -4.77
CA LYS A 287 -17.20 -31.97 -5.14
C LYS A 287 -18.31 -32.66 -4.34
N LYS A 288 -19.31 -33.16 -5.05
CA LYS A 288 -20.55 -33.67 -4.47
C LYS A 288 -20.22 -34.89 -3.62
N ILE A 289 -20.52 -34.78 -2.30
CA ILE A 289 -19.90 -35.63 -1.21
C ILE A 289 -18.85 -34.86 -0.27
N THR B 3 -8.18 17.91 8.78
CA THR B 3 -7.02 17.91 7.79
C THR B 3 -6.37 16.51 7.78
N ALA B 4 -6.41 15.84 6.63
CA ALA B 4 -5.84 14.51 6.59
C ALA B 4 -4.42 14.63 5.96
N ARG B 5 -3.68 15.58 6.49
CA ARG B 5 -2.30 15.80 6.09
C ARG B 5 -1.43 14.55 6.25
N SER B 7 1.70 12.86 7.29
CA SER B 7 2.79 13.24 8.15
C SER B 7 3.09 12.14 9.14
N THR B 8 4.30 12.21 9.69
CA THR B 8 4.89 11.14 10.50
C THR B 8 4.42 11.13 11.96
#